data_2PXH
#
_entry.id   2PXH
#
_cell.length_a   100.841
_cell.length_b   100.841
_cell.length_c   71.072
_cell.angle_alpha   90.00
_cell.angle_beta   90.00
_cell.angle_gamma   90.00
#
_symmetry.space_group_name_H-M   'P 43 21 2'
#
loop_
_entity.id
_entity.type
_entity.pdbx_description
1 polymer 'Tyrosyl-tRNA synthetase'
2 non-polymer "3-(2,2'-BIPYRIDIN-5-YL)-L-ALANINE"
3 water water
#
_entity_poly.entity_id   1
_entity_poly.type   'polypeptide(L)'
_entity_poly.pdbx_seq_one_letter_code
;MDEFEMIKRNTSEIISEEELREVLKKDEKSAGIGFEPSGKIHLGHYLQIKKMIDLQNAGFDIIIYLADLAAYLNQKGELD
EIRKIGDYNKKVFEAMGLKAKYVYGSEFQLDKDYTLNVYRLALKTTLKRARRSMELIAREDENPKVAEVIYPIMEVNGWH
YSGVDVAVGGMEQRKIHMLARELLPKKVVCIHNPVLTGLDGEGKMSSSKGNFIAVDDSPEEIRAKIKKAYCPAGVVEGNP
IMEIAKYFLEYPLTIKRPEKFGGDLTVNSYEELESLFKNKELHPMDLKNAVAEELIKILEPIRKRLLEHHHHHH
;
_entity_poly.pdbx_strand_id   A
#
# COMPACT_ATOMS: atom_id res chain seq x y z
N ASP A 2 16.01 -4.90 -15.33
CA ASP A 2 16.98 -5.06 -14.20
C ASP A 2 16.30 -4.78 -12.87
N GLU A 3 17.07 -4.76 -11.80
CA GLU A 3 16.49 -4.62 -10.47
C GLU A 3 15.81 -3.26 -10.27
N PHE A 4 16.47 -2.19 -10.66
CA PHE A 4 15.87 -0.89 -10.63
C PHE A 4 14.50 -0.88 -11.31
N GLU A 5 14.42 -1.40 -12.53
CA GLU A 5 13.15 -1.42 -13.27
C GLU A 5 12.08 -2.28 -12.63
N MET A 6 12.49 -3.41 -12.08
CA MET A 6 11.63 -4.31 -11.37
C MET A 6 11.08 -3.65 -10.10
N ILE A 7 11.96 -2.92 -9.43
CA ILE A 7 11.56 -2.11 -8.29
C ILE A 7 10.61 -1.00 -8.74
N LYS A 8 10.95 -0.35 -9.84
CA LYS A 8 10.15 0.81 -10.27
C LYS A 8 8.76 0.43 -10.80
N ARG A 9 8.62 -0.80 -11.28
CA ARG A 9 7.40 -1.23 -11.96
C ARG A 9 6.16 -0.92 -11.08
N ASN A 10 5.21 -0.17 -11.63
CA ASN A 10 3.93 0.11 -11.02
C ASN A 10 4.04 0.98 -9.76
N THR A 11 5.16 1.67 -9.61
CA THR A 11 5.26 2.66 -8.54
C THR A 11 4.76 3.97 -9.08
N SER A 12 4.33 4.82 -8.16
CA SER A 12 3.89 6.14 -8.49
C SER A 12 5.09 7.13 -8.59
N GLU A 13 6.06 6.96 -7.71
CA GLU A 13 7.26 7.78 -7.72
C GLU A 13 8.34 7.10 -6.86
N ILE A 14 9.58 7.40 -7.21
CA ILE A 14 10.77 7.05 -6.46
C ILE A 14 11.47 8.38 -6.15
N ILE A 15 11.60 8.69 -4.86
CA ILE A 15 12.20 9.96 -4.45
C ILE A 15 13.63 9.63 -4.20
N SER A 16 14.34 10.34 -5.07
CA SER A 16 15.22 10.03 -6.15
C SER A 16 15.61 8.66 -6.70
N GLU A 17 15.36 8.53 -8.01
CA GLU A 17 15.91 7.43 -8.77
C GLU A 17 17.44 7.40 -8.67
N GLU A 18 18.09 8.56 -8.69
CA GLU A 18 19.57 8.60 -8.53
C GLU A 18 19.98 8.06 -7.18
N GLU A 19 19.24 8.41 -6.12
CA GLU A 19 19.55 7.89 -4.79
C GLU A 19 19.30 6.40 -4.66
N LEU A 20 18.21 5.92 -5.25
CA LEU A 20 18.00 4.48 -5.24
C LEU A 20 19.09 3.70 -6.01
N ARG A 21 19.54 4.25 -7.13
CA ARG A 21 20.65 3.62 -7.86
C ARG A 21 21.89 3.53 -6.99
N GLU A 22 22.18 4.60 -6.22
CA GLU A 22 23.23 4.55 -5.19
C GLU A 22 23.00 3.46 -4.16
N VAL A 23 21.78 3.37 -3.63
CA VAL A 23 21.47 2.25 -2.72
C VAL A 23 21.65 0.85 -3.32
N LEU A 24 21.24 0.66 -4.57
CA LEU A 24 21.32 -0.65 -5.22
C LEU A 24 22.78 -1.08 -5.45
N LYS A 25 23.73 -0.15 -5.40
CA LYS A 25 25.15 -0.55 -5.45
C LYS A 25 25.63 -1.25 -4.17
N LYS A 26 24.94 -1.02 -3.04
CA LYS A 26 25.33 -1.57 -1.73
C LYS A 26 24.94 -3.00 -1.69
N ASP A 27 25.73 -3.80 -0.98
CA ASP A 27 25.35 -5.15 -0.67
C ASP A 27 24.32 -5.29 0.43
N GLU A 28 24.50 -4.57 1.53
CA GLU A 28 23.53 -4.68 2.60
C GLU A 28 22.64 -3.47 2.50
N LYS A 29 21.37 -3.73 2.24
CA LYS A 29 20.42 -2.63 2.09
C LYS A 29 19.10 -3.05 2.65
N SER A 30 18.38 -2.10 3.23
CA SER A 30 17.14 -2.49 3.86
C SER A 30 16.02 -1.56 3.46
N ALA A 31 14.81 -2.13 3.44
CA ALA A 31 13.64 -1.36 3.09
C ALA A 31 12.59 -1.58 4.17
N GLY A 32 11.86 -0.53 4.54
CA GLY A 32 10.81 -0.66 5.53
C GLY A 32 9.51 -0.07 5.07
N ILE A 33 8.43 -0.55 5.69
CA ILE A 33 7.10 0.05 5.51
C ILE A 33 6.46 -0.14 6.86
N GLY A 34 5.49 0.69 7.22
CA GLY A 34 4.72 0.41 8.40
C GLY A 34 3.28 0.60 8.10
N PHE A 35 2.44 -0.11 8.85
CA PHE A 35 1.01 -0.03 8.68
C PHE A 35 0.44 0.14 10.08
N GLU A 36 -0.47 1.09 10.23
CA GLU A 36 -1.37 1.07 11.39
C GLU A 36 -2.18 -0.23 11.26
N PRO A 37 -2.25 -1.07 12.31
CA PRO A 37 -2.97 -2.32 12.12
C PRO A 37 -4.42 -2.11 11.68
N SER A 38 -4.88 -2.97 10.78
CA SER A 38 -6.16 -2.78 10.07
C SER A 38 -6.99 -4.03 10.29
N GLY A 39 -8.26 -3.88 10.63
CA GLY A 39 -9.15 -5.05 10.84
C GLY A 39 -9.29 -5.93 9.60
N LYS A 40 -9.18 -5.30 8.43
CA LYS A 40 -9.18 -6.01 7.15
C LYS A 40 -7.94 -5.57 6.33
N ILE A 41 -7.31 -6.53 5.67
CA ILE A 41 -6.16 -6.31 4.84
C ILE A 41 -6.67 -6.35 3.40
N HIS A 42 -6.47 -5.26 2.69
CA HIS A 42 -7.11 -5.12 1.39
C HIS A 42 -6.11 -5.05 0.25
N LEU A 43 -6.61 -4.78 -0.96
CA LEU A 43 -5.76 -4.79 -2.13
C LEU A 43 -4.73 -3.68 -2.06
N GLY A 44 -5.06 -2.57 -1.39
CA GLY A 44 -4.08 -1.51 -1.08
C GLY A 44 -2.86 -2.04 -0.35
N HIS A 45 -3.09 -2.77 0.75
CA HIS A 45 -2.01 -3.39 1.48
C HIS A 45 -1.24 -4.33 0.59
N TYR A 46 -1.95 -5.16 -0.17
CA TYR A 46 -1.31 -6.19 -0.94
C TYR A 46 -0.44 -5.55 -1.96
N LEU A 47 -0.93 -4.48 -2.60
CA LEU A 47 -0.09 -3.77 -3.56
C LEU A 47 1.29 -3.41 -2.97
N GLN A 48 1.32 -2.95 -1.70
CA GLN A 48 2.57 -2.52 -1.10
C GLN A 48 3.43 -3.69 -0.71
N ILE A 49 2.81 -4.75 -0.21
CA ILE A 49 3.58 -5.95 0.17
C ILE A 49 4.21 -6.58 -1.07
N LYS A 50 3.44 -6.60 -2.17
CA LYS A 50 3.97 -6.98 -3.50
C LYS A 50 5.23 -6.19 -3.83
N LYS A 51 5.18 -4.89 -3.59
CA LYS A 51 6.37 -4.05 -3.75
C LYS A 51 7.47 -4.34 -2.76
N MET A 52 7.14 -4.61 -1.51
CA MET A 52 8.16 -5.11 -0.57
C MET A 52 8.83 -6.40 -1.04
N ILE A 53 8.05 -7.32 -1.61
CA ILE A 53 8.59 -8.57 -2.22
C ILE A 53 9.54 -8.25 -3.39
N ASP A 54 9.19 -7.28 -4.23
CA ASP A 54 10.11 -6.84 -5.27
C ASP A 54 11.46 -6.44 -4.70
N LEU A 55 11.44 -5.61 -3.64
CA LEU A 55 12.68 -5.18 -2.98
C LEU A 55 13.41 -6.37 -2.35
N GLN A 56 12.68 -7.24 -1.68
CA GLN A 56 13.29 -8.47 -1.13
C GLN A 56 13.97 -9.33 -2.24
N ASN A 57 13.29 -9.48 -3.38
CA ASN A 57 13.89 -10.17 -4.52
C ASN A 57 15.13 -9.48 -5.05
N ALA A 58 15.21 -8.16 -4.83
CA ALA A 58 16.34 -7.34 -5.30
C ALA A 58 17.49 -7.22 -4.26
N GLY A 59 17.41 -8.03 -3.22
CA GLY A 59 18.50 -8.16 -2.25
C GLY A 59 18.34 -7.31 -1.00
N PHE A 60 17.16 -6.71 -0.81
CA PHE A 60 16.88 -5.88 0.36
C PHE A 60 16.45 -6.75 1.52
N ASP A 61 16.95 -6.46 2.73
CA ASP A 61 16.33 -6.96 3.95
C ASP A 61 15.07 -6.16 4.24
N ILE A 62 13.99 -6.82 4.62
CA ILE A 62 12.69 -6.12 4.71
C ILE A 62 12.27 -6.03 6.15
N ILE A 63 11.81 -4.85 6.59
CA ILE A 63 11.23 -4.70 7.91
C ILE A 63 9.85 -4.13 7.74
N ILE A 64 8.89 -4.73 8.44
CA ILE A 64 7.52 -4.30 8.47
C ILE A 64 7.27 -3.78 9.87
N TYR A 65 6.86 -2.52 9.97
CA TYR A 65 6.49 -1.99 11.27
C TYR A 65 5.02 -2.17 11.46
N LEU A 66 4.67 -2.94 12.47
CA LEU A 66 3.28 -3.02 12.93
C LEU A 66 3.12 -1.75 13.76
N ALA A 67 2.57 -0.69 13.15
CA ALA A 67 2.71 0.64 13.76
C ALA A 67 1.67 0.83 14.85
N ASP A 68 1.82 0.10 15.96
CA ASP A 68 0.80 0.14 17.00
C ASP A 68 0.68 1.52 17.67
N LEU A 69 1.80 2.14 17.96
CA LEU A 69 1.76 3.46 18.62
C LEU A 69 1.22 4.54 17.70
N ALA A 70 1.57 4.50 16.40
CA ALA A 70 0.99 5.40 15.41
C ALA A 70 -0.52 5.24 15.39
N ALA A 71 -0.99 4.01 15.39
CA ALA A 71 -2.46 3.73 15.34
C ALA A 71 -3.12 4.24 16.61
N TYR A 72 -2.42 4.11 17.71
CA TYR A 72 -2.91 4.64 18.98
C TYR A 72 -3.03 6.17 18.89
N LEU A 73 -1.94 6.83 18.51
CA LEU A 73 -2.00 8.28 18.23
C LEU A 73 -3.06 8.70 17.23
N ASN A 74 -3.36 7.81 16.28
CA ASN A 74 -4.34 8.08 15.23
C ASN A 74 -5.73 7.50 15.55
N GLN A 75 -6.03 7.42 16.84
CA GLN A 75 -7.40 7.12 17.32
C GLN A 75 -7.97 5.74 16.93
N LYS A 76 -7.11 4.75 16.82
CA LYS A 76 -7.59 3.43 16.42
C LYS A 76 -7.97 2.59 17.63
N GLY A 77 -7.76 3.08 18.85
CA GLY A 77 -8.24 2.29 20.02
C GLY A 77 -7.15 2.15 21.02
N GLU A 78 -7.23 1.12 21.87
CA GLU A 78 -6.23 0.86 22.87
C GLU A 78 -5.09 0.03 22.30
N LEU A 79 -3.90 0.21 22.85
CA LEU A 79 -2.70 -0.50 22.39
C LEU A 79 -2.85 -2.01 22.41
N ASP A 80 -3.47 -2.58 23.47
CA ASP A 80 -3.52 -4.02 23.56
C ASP A 80 -4.33 -4.60 22.39
N GLU A 81 -5.48 -4.00 22.13
CA GLU A 81 -6.36 -4.33 21.01
C GLU A 81 -5.68 -4.06 19.67
N ILE A 82 -5.03 -2.91 19.58
CA ILE A 82 -4.30 -2.57 18.34
C ILE A 82 -3.28 -3.63 18.04
N ARG A 83 -2.55 -4.08 19.06
CA ARG A 83 -1.51 -5.09 18.90
C ARG A 83 -2.02 -6.46 18.47
N LYS A 84 -3.18 -6.86 18.98
CA LYS A 84 -3.83 -8.10 18.51
C LYS A 84 -4.14 -8.06 16.99
N ILE A 85 -4.71 -6.95 16.54
CA ILE A 85 -4.92 -6.72 15.13
C ILE A 85 -3.59 -6.73 14.34
N GLY A 86 -2.52 -6.15 14.91
CA GLY A 86 -1.22 -6.18 14.25
C GLY A 86 -0.71 -7.58 14.09
N ASP A 87 -0.96 -8.43 15.07
CA ASP A 87 -0.54 -9.82 14.98
C ASP A 87 -1.33 -10.56 13.86
N TYR A 88 -2.61 -10.26 13.73
CA TYR A 88 -3.41 -10.78 12.64
C TYR A 88 -2.86 -10.28 11.28
N ASN A 89 -2.50 -8.99 11.22
CA ASN A 89 -1.94 -8.40 9.99
C ASN A 89 -0.62 -9.11 9.58
N LYS A 90 0.27 -9.33 10.55
CA LYS A 90 1.50 -10.12 10.34
C LYS A 90 1.16 -11.46 9.66
N LYS A 91 0.19 -12.19 10.20
CA LYS A 91 -0.24 -13.47 9.60
C LYS A 91 -0.67 -13.32 8.16
N VAL A 92 -1.47 -12.30 7.86
CA VAL A 92 -1.84 -12.05 6.47
C VAL A 92 -0.63 -11.76 5.58
N PHE A 93 0.29 -10.92 6.04
CA PHE A 93 1.50 -10.58 5.29
C PHE A 93 2.37 -11.80 5.05
N GLU A 94 2.48 -12.66 6.04
CA GLU A 94 3.19 -13.95 5.87
C GLU A 94 2.47 -14.86 4.85
N ALA A 95 1.15 -14.94 4.95
CA ALA A 95 0.34 -15.64 3.95
C ALA A 95 0.52 -15.09 2.52
N MET A 96 0.77 -13.79 2.39
CA MET A 96 1.11 -13.18 1.09
C MET A 96 2.49 -13.59 0.52
N GLY A 97 3.27 -14.33 1.29
CA GLY A 97 4.58 -14.79 0.81
C GLY A 97 5.73 -13.90 1.22
N LEU A 98 5.46 -12.97 2.13
CA LEU A 98 6.53 -12.11 2.59
C LEU A 98 7.18 -12.71 3.84
N LYS A 99 8.45 -13.00 3.74
CA LYS A 99 9.28 -13.26 4.94
C LYS A 99 10.08 -11.98 5.17
N ALA A 100 9.93 -11.42 6.36
CA ALA A 100 10.51 -10.12 6.66
C ALA A 100 10.63 -10.17 8.15
N LYS A 101 11.25 -9.15 8.74
CA LYS A 101 11.22 -9.00 10.19
C LYS A 101 10.06 -8.07 10.51
N TYR A 102 9.26 -8.44 11.50
CA TYR A 102 8.09 -7.66 11.90
C TYR A 102 8.40 -7.06 13.27
N VAL A 103 8.24 -5.74 13.44
CA VAL A 103 8.53 -5.04 14.70
C VAL A 103 7.33 -4.18 15.08
N TYR A 104 6.88 -4.23 16.34
CA TYR A 104 5.85 -3.30 16.84
C TYR A 104 6.56 -2.02 17.21
N GLY A 105 6.11 -0.89 16.66
CA GLY A 105 6.85 0.36 16.91
C GLY A 105 7.03 0.60 18.42
N SER A 106 6.02 0.26 19.22
CA SER A 106 6.06 0.48 20.67
C SER A 106 7.17 -0.29 21.35
N GLU A 107 7.83 -1.23 20.64
CA GLU A 107 8.95 -1.96 21.26
C GLU A 107 10.08 -0.99 21.50
N PHE A 108 10.18 0.07 20.69
CA PHE A 108 11.30 1.03 20.86
C PHE A 108 10.89 2.51 20.94
N GLN A 109 9.66 2.83 20.57
CA GLN A 109 9.26 4.21 20.37
C GLN A 109 8.88 4.90 21.66
N LEU A 110 9.01 4.22 22.80
CA LEU A 110 8.72 4.83 24.08
C LEU A 110 9.92 4.85 24.99
N ASP A 111 11.08 4.47 24.46
CA ASP A 111 12.31 4.57 25.20
C ASP A 111 12.67 6.04 25.40
N LYS A 112 13.31 6.31 26.53
CA LYS A 112 13.67 7.66 26.96
C LYS A 112 14.44 8.44 25.93
N ASP A 113 15.49 7.84 25.37
CA ASP A 113 16.28 8.55 24.37
C ASP A 113 15.51 8.73 23.05
N TYR A 114 14.70 7.75 22.68
CA TYR A 114 13.83 7.93 21.50
C TYR A 114 12.89 9.15 21.71
N THR A 115 12.26 9.22 22.87
CA THR A 115 11.33 10.32 23.17
C THR A 115 11.99 11.68 23.11
N LEU A 116 13.20 11.76 23.63
CA LEU A 116 13.90 13.04 23.64
C LEU A 116 14.13 13.49 22.19
N ASN A 117 14.39 12.53 21.31
CA ASN A 117 14.52 12.83 19.90
C ASN A 117 13.21 13.24 19.25
N VAL A 118 12.13 12.66 19.75
CA VAL A 118 10.80 13.07 19.28
C VAL A 118 10.64 14.55 19.64
N TYR A 119 10.92 14.91 20.91
CA TYR A 119 10.91 16.34 21.27
C TYR A 119 11.85 17.23 20.49
N ARG A 120 13.03 16.74 20.18
CA ARG A 120 13.97 17.45 19.34
C ARG A 120 13.33 17.74 17.99
N LEU A 121 12.68 16.74 17.38
CA LEU A 121 12.08 16.93 16.08
C LEU A 121 10.87 17.85 16.20
N ALA A 122 10.16 17.80 17.32
CA ALA A 122 9.01 18.69 17.52
C ALA A 122 9.45 20.17 17.51
N LEU A 123 10.68 20.45 17.92
CA LEU A 123 11.22 21.81 17.82
C LEU A 123 11.54 22.23 16.39
N LYS A 124 11.72 21.28 15.48
CA LYS A 124 12.12 21.59 14.13
C LYS A 124 10.95 21.51 13.16
N THR A 125 9.78 21.11 13.65
CA THR A 125 8.67 20.83 12.75
C THR A 125 7.55 21.80 13.04
N THR A 126 7.14 22.60 12.06
CA THR A 126 6.05 23.52 12.37
C THR A 126 4.71 22.78 12.50
N LEU A 127 3.81 23.36 13.27
CA LEU A 127 2.48 22.80 13.39
C LEU A 127 1.84 22.74 12.00
N LYS A 128 2.03 23.77 11.23
CA LYS A 128 1.38 23.83 9.91
C LYS A 128 1.88 22.70 9.00
N ARG A 129 3.17 22.44 9.03
CA ARG A 129 3.74 21.41 8.21
C ARG A 129 3.31 20.02 8.74
N ALA A 130 3.26 19.85 10.06
CA ALA A 130 2.84 18.56 10.61
C ALA A 130 1.39 18.29 10.25
N ARG A 131 0.53 19.31 10.39
CA ARG A 131 -0.88 19.15 9.98
C ARG A 131 -1.06 18.80 8.51
N ARG A 132 -0.37 19.52 7.65
CA ARG A 132 -0.40 19.21 6.23
C ARG A 132 0.06 17.79 5.96
N SER A 133 1.05 17.32 6.71
CA SER A 133 1.55 15.97 6.47
C SER A 133 0.51 14.90 6.78
N MET A 134 -0.50 15.23 7.61
CA MET A 134 -1.46 14.28 8.11
C MET A 134 -2.79 14.33 7.36
N GLU A 135 -2.89 15.26 6.41
CA GLU A 135 -4.16 15.49 5.75
C GLU A 135 -4.81 14.23 5.17
N LEU A 136 -4.00 13.32 4.63
CA LEU A 136 -4.53 12.09 3.98
C LEU A 136 -4.46 10.88 4.93
N ILE A 137 -3.94 11.11 6.13
CA ILE A 137 -3.67 10.02 7.07
C ILE A 137 -4.48 10.11 8.33
N ALA A 138 -4.66 11.33 8.84
CA ALA A 138 -5.41 11.57 10.10
C ALA A 138 -6.84 11.01 10.09
N ARG A 139 -7.24 10.35 11.18
CA ARG A 139 -8.61 9.97 11.40
C ARG A 139 -9.47 11.20 11.35
N GLU A 140 -10.61 11.08 10.68
CA GLU A 140 -11.60 12.13 10.66
C GLU A 140 -11.89 12.64 12.07
N ASP A 141 -11.63 13.92 12.31
CA ASP A 141 -11.89 14.51 13.62
C ASP A 141 -12.31 15.99 13.44
N GLU A 142 -13.47 16.36 13.97
CA GLU A 142 -13.91 17.75 13.88
C GLU A 142 -13.10 18.65 14.80
N ASN A 143 -12.44 18.01 15.79
CA ASN A 143 -11.66 18.70 16.80
C ASN A 143 -10.29 18.07 16.87
N PRO A 144 -9.44 18.35 15.87
CA PRO A 144 -8.16 17.66 15.74
C PRO A 144 -7.31 17.76 17.01
N LYS A 145 -6.79 16.61 17.42
CA LYS A 145 -6.09 16.49 18.66
C LYS A 145 -4.58 16.71 18.53
N VAL A 146 -3.96 16.98 19.67
CA VAL A 146 -2.51 17.20 19.65
C VAL A 146 -1.84 15.93 19.14
N ALA A 147 -2.41 14.77 19.45
CA ALA A 147 -1.84 13.50 18.95
C ALA A 147 -1.62 13.50 17.41
N GLU A 148 -2.48 14.19 16.67
CA GLU A 148 -2.33 14.27 15.22
C GLU A 148 -1.00 14.83 14.79
N VAL A 149 -0.45 15.84 15.51
CA VAL A 149 0.85 16.39 15.08
C VAL A 149 2.04 15.70 15.74
N ILE A 150 1.79 14.93 16.78
CA ILE A 150 2.84 14.05 17.27
C ILE A 150 3.09 12.88 16.29
N TYR A 151 2.02 12.37 15.71
CA TYR A 151 2.12 11.23 14.76
C TYR A 151 3.24 11.37 13.70
N PRO A 152 3.27 12.49 12.95
CA PRO A 152 4.32 12.55 11.93
C PRO A 152 5.75 12.60 12.48
N ILE A 153 5.97 13.29 13.61
CA ILE A 153 7.31 13.28 14.19
C ILE A 153 7.63 11.93 14.85
N MET A 154 6.63 11.27 15.41
CA MET A 154 6.82 9.87 15.86
C MET A 154 7.35 8.98 14.71
N GLU A 155 6.74 9.09 13.54
CA GLU A 155 7.11 8.23 12.42
C GLU A 155 8.44 8.65 11.87
N VAL A 156 8.70 9.95 11.75
CA VAL A 156 10.00 10.43 11.24
C VAL A 156 11.13 9.91 12.14
N ASN A 157 10.96 10.05 13.45
CA ASN A 157 11.94 9.47 14.33
C ASN A 157 12.03 7.98 14.16
N GLY A 158 10.92 7.32 13.86
CA GLY A 158 10.97 5.86 13.57
C GLY A 158 11.86 5.57 12.39
N TRP A 159 11.68 6.33 11.30
CA TRP A 159 12.54 6.11 10.14
C TRP A 159 14.02 6.29 10.50
N HIS A 160 14.30 7.28 11.33
CA HIS A 160 15.67 7.52 11.80
C HIS A 160 16.20 6.31 12.55
N TYR A 161 15.42 5.83 13.49
CA TYR A 161 15.80 4.69 14.28
C TYR A 161 15.87 3.37 13.49
N SER A 162 15.05 3.25 12.44
CA SER A 162 14.98 2.00 11.67
C SER A 162 16.28 1.71 10.98
N GLY A 163 16.99 2.76 10.64
CA GLY A 163 18.24 2.68 9.85
C GLY A 163 18.02 2.26 8.39
N VAL A 164 16.77 2.24 7.91
CA VAL A 164 16.57 1.69 6.57
C VAL A 164 17.13 2.63 5.52
N ASP A 165 17.48 2.09 4.35
CA ASP A 165 17.89 2.90 3.22
C ASP A 165 16.68 3.38 2.43
N VAL A 166 15.60 2.58 2.44
CA VAL A 166 14.41 2.82 1.61
C VAL A 166 13.14 2.77 2.47
N ALA A 167 12.26 3.77 2.34
CA ALA A 167 10.97 3.76 2.99
C ALA A 167 9.95 3.55 1.92
N VAL A 168 8.97 2.71 2.21
CA VAL A 168 7.91 2.43 1.25
C VAL A 168 6.56 2.82 1.81
N GLY A 169 5.73 3.41 0.96
CA GLY A 169 4.32 3.60 1.32
C GLY A 169 3.47 4.07 0.16
N GLY A 170 2.18 4.26 0.39
CA GLY A 170 1.30 4.80 -0.63
C GLY A 170 1.60 6.26 -0.89
N MET A 171 1.20 6.78 -2.03
CA MET A 171 1.38 8.21 -2.27
C MET A 171 0.92 9.13 -1.14
N GLU A 172 -0.05 8.71 -0.35
CA GLU A 172 -0.54 9.55 0.72
C GLU A 172 0.50 9.76 1.82
N GLN A 173 1.49 8.86 1.87
CA GLN A 173 2.58 8.97 2.84
C GLN A 173 3.59 10.02 2.44
N ARG A 174 3.46 10.59 1.24
CA ARG A 174 4.56 11.39 0.75
C ARG A 174 5.00 12.58 1.63
N LYS A 175 4.07 13.31 2.23
CA LYS A 175 4.44 14.47 3.04
C LYS A 175 5.17 14.11 4.32
N ILE A 176 4.80 13.00 4.94
CA ILE A 176 5.55 12.51 6.12
C ILE A 176 6.96 12.10 5.69
N HIS A 177 7.04 11.43 4.55
CA HIS A 177 8.36 11.01 4.04
C HIS A 177 9.20 12.24 3.68
N MET A 178 8.59 13.27 3.10
CA MET A 178 9.29 14.52 2.83
C MET A 178 9.89 15.10 4.13
N LEU A 179 9.10 15.10 5.20
CA LEU A 179 9.61 15.54 6.48
C LEU A 179 10.79 14.74 6.93
N ALA A 180 10.73 13.40 6.83
CA ALA A 180 11.87 12.53 7.15
C ALA A 180 13.13 12.90 6.34
N ARG A 181 12.95 13.15 5.04
CA ARG A 181 14.10 13.47 4.18
C ARG A 181 14.68 14.87 4.52
N GLU A 182 13.85 15.78 5.00
CA GLU A 182 14.32 17.11 5.42
C GLU A 182 14.93 17.15 6.79
N LEU A 183 14.42 16.33 7.72
CA LEU A 183 14.84 16.45 9.11
C LEU A 183 15.96 15.55 9.51
N LEU A 184 16.17 14.45 8.80
CA LEU A 184 17.08 13.40 9.35
C LEU A 184 18.45 13.48 8.71
N PRO A 185 19.49 13.09 9.46
CA PRO A 185 20.84 13.12 8.88
C PRO A 185 21.03 12.20 7.67
N LYS A 186 20.41 11.03 7.69
CA LYS A 186 20.43 10.11 6.53
C LYS A 186 19.14 10.30 5.73
N LYS A 187 19.24 10.70 4.45
CA LYS A 187 18.05 10.80 3.60
C LYS A 187 17.60 9.41 3.13
N VAL A 188 16.38 9.03 3.50
CA VAL A 188 15.84 7.71 3.07
C VAL A 188 15.30 7.85 1.68
N VAL A 189 15.52 6.83 0.84
CA VAL A 189 14.87 6.79 -0.50
C VAL A 189 13.42 6.38 -0.28
N CYS A 190 12.50 7.11 -0.87
CA CYS A 190 11.07 6.87 -0.68
C CYS A 190 10.46 6.33 -1.96
N ILE A 191 9.87 5.14 -1.89
CA ILE A 191 9.23 4.52 -3.04
C ILE A 191 7.75 4.59 -2.74
N HIS A 192 6.99 5.30 -3.57
CA HIS A 192 5.57 5.43 -3.30
C HIS A 192 4.79 4.64 -4.31
N ASN A 193 3.80 3.92 -3.80
CA ASN A 193 2.87 3.16 -4.58
C ASN A 193 1.60 3.96 -4.80
N PRO A 194 0.93 3.74 -5.94
CA PRO A 194 -0.26 4.51 -6.21
C PRO A 194 -1.39 4.15 -5.24
N VAL A 195 -2.33 5.07 -5.05
CA VAL A 195 -3.47 4.82 -4.23
C VAL A 195 -4.60 4.33 -5.12
N LEU A 196 -5.16 3.18 -4.77
CA LEU A 196 -6.25 2.59 -5.54
C LEU A 196 -7.53 3.32 -5.32
N THR A 197 -8.34 3.38 -6.37
CA THR A 197 -9.66 4.01 -6.29
C THR A 197 -10.59 3.03 -5.59
N GLY A 198 -11.55 3.56 -4.83
CA GLY A 198 -12.51 2.72 -4.13
C GLY A 198 -13.43 2.07 -5.16
N LEU A 199 -14.02 0.96 -4.78
CA LEU A 199 -14.85 0.22 -5.72
C LEU A 199 -15.99 1.03 -6.32
N ASP A 200 -16.52 2.01 -5.58
CA ASP A 200 -17.56 2.87 -6.18
C ASP A 200 -17.01 4.04 -6.98
N GLY A 201 -15.68 4.10 -7.11
CA GLY A 201 -15.01 5.14 -7.86
C GLY A 201 -15.09 6.52 -7.23
N GLU A 202 -15.54 6.60 -5.97
CA GLU A 202 -15.90 7.89 -5.38
C GLU A 202 -14.85 8.49 -4.46
N GLY A 203 -13.87 7.68 -4.08
CA GLY A 203 -12.68 8.22 -3.46
C GLY A 203 -11.58 7.20 -3.60
N LYS A 204 -10.57 7.33 -2.75
CA LYS A 204 -9.53 6.31 -2.63
C LYS A 204 -10.02 5.16 -1.79
N MET A 205 -9.48 3.97 -2.05
CA MET A 205 -9.83 2.76 -1.33
C MET A 205 -9.22 2.74 0.06
N SER A 206 -10.05 2.52 1.07
CA SER A 206 -9.55 2.57 2.45
C SER A 206 -10.37 1.72 3.39
N SER A 207 -9.71 1.33 4.49
CA SER A 207 -10.31 0.50 5.51
C SER A 207 -11.56 1.12 6.10
N SER A 208 -11.58 2.44 6.20
CA SER A 208 -12.63 3.11 6.94
C SER A 208 -13.79 3.43 6.00
N LYS A 209 -13.55 3.33 4.69
CA LYS A 209 -14.52 3.66 3.67
C LYS A 209 -15.31 2.42 3.20
N GLY A 210 -14.83 1.24 3.58
CA GLY A 210 -15.46 -0.02 3.22
C GLY A 210 -15.72 -0.07 1.72
N ASN A 211 -14.72 0.29 0.94
CA ASN A 211 -14.86 0.40 -0.51
C ASN A 211 -13.73 -0.39 -1.17
N PHE A 212 -13.34 -1.47 -0.51
CA PHE A 212 -12.17 -2.26 -0.88
C PHE A 212 -12.53 -3.73 -1.06
N ILE A 213 -11.65 -4.47 -1.74
CA ILE A 213 -11.69 -5.91 -1.73
C ILE A 213 -10.62 -6.37 -0.76
N ALA A 214 -10.98 -7.24 0.19
CA ALA A 214 -10.06 -7.76 1.19
C ALA A 214 -9.41 -9.01 0.66
N VAL A 215 -8.16 -9.26 1.02
CA VAL A 215 -7.43 -10.37 0.41
C VAL A 215 -8.05 -11.73 0.74
N ASP A 216 -8.85 -11.74 1.81
CA ASP A 216 -9.50 -12.96 2.22
C ASP A 216 -11.00 -12.94 1.92
N ASP A 217 -11.48 -12.01 1.09
CA ASP A 217 -12.89 -12.00 0.72
C ASP A 217 -13.13 -13.36 0.06
N SER A 218 -14.36 -13.86 0.19
CA SER A 218 -14.67 -15.13 -0.47
C SER A 218 -14.85 -14.86 -1.96
N PRO A 219 -14.67 -15.90 -2.79
CA PRO A 219 -14.94 -15.73 -4.23
C PRO A 219 -16.28 -15.06 -4.51
N GLU A 220 -17.34 -15.46 -3.79
CA GLU A 220 -18.65 -14.87 -4.08
C GLU A 220 -18.72 -13.39 -3.77
N GLU A 221 -18.02 -13.00 -2.70
CA GLU A 221 -17.92 -11.59 -2.28
C GLU A 221 -17.14 -10.76 -3.31
N ILE A 222 -16.01 -11.31 -3.75
CA ILE A 222 -15.19 -10.69 -4.84
C ILE A 222 -16.03 -10.48 -6.09
N ARG A 223 -16.73 -11.52 -6.54
CA ARG A 223 -17.62 -11.39 -7.71
C ARG A 223 -18.68 -10.29 -7.54
N ALA A 224 -19.31 -10.23 -6.36
CA ALA A 224 -20.34 -9.22 -6.09
C ALA A 224 -19.78 -7.81 -6.03
N LYS A 225 -18.60 -7.69 -5.42
CA LYS A 225 -17.95 -6.39 -5.29
C LYS A 225 -17.56 -5.87 -6.65
N ILE A 226 -16.95 -6.72 -7.45
CA ILE A 226 -16.62 -6.34 -8.85
C ILE A 226 -17.86 -6.07 -9.73
N LYS A 227 -18.88 -6.92 -9.64
CA LYS A 227 -20.09 -6.70 -10.42
C LYS A 227 -20.61 -5.30 -10.19
N LYS A 228 -20.57 -4.88 -8.95
CA LYS A 228 -21.17 -3.61 -8.55
C LYS A 228 -20.27 -2.39 -8.74
N ALA A 229 -19.00 -2.63 -9.11
CA ALA A 229 -18.02 -1.54 -9.11
C ALA A 229 -18.23 -0.55 -10.23
N TYR A 230 -17.85 0.70 -10.00
CA TYR A 230 -17.71 1.73 -11.01
C TYR A 230 -16.76 1.25 -12.07
N CYS A 231 -17.16 1.34 -13.34
CA CYS A 231 -16.39 0.79 -14.45
C CYS A 231 -17.02 1.29 -15.75
N PRO A 232 -16.94 2.60 -16.01
CA PRO A 232 -17.66 3.12 -17.20
C PRO A 232 -16.93 2.70 -18.47
N ALA A 233 -17.70 2.37 -19.52
CA ALA A 233 -17.13 1.86 -20.78
C ALA A 233 -16.15 2.89 -21.32
N GLY A 234 -14.98 2.47 -21.78
CA GLY A 234 -14.03 3.42 -22.34
C GLY A 234 -13.25 4.29 -21.36
N VAL A 235 -13.69 4.33 -20.11
CA VAL A 235 -13.07 5.18 -19.09
C VAL A 235 -12.05 4.39 -18.27
N VAL A 236 -10.81 4.84 -18.32
CA VAL A 236 -9.72 4.13 -17.62
C VAL A 236 -9.37 4.85 -16.29
N GLU A 237 -9.48 6.18 -16.34
CA GLU A 237 -9.14 7.05 -15.25
C GLU A 237 -10.09 6.85 -14.10
N GLY A 238 -9.55 6.51 -12.92
CA GLY A 238 -10.36 6.33 -11.73
C GLY A 238 -11.29 5.14 -11.75
N ASN A 239 -11.00 4.20 -12.65
CA ASN A 239 -11.72 2.98 -12.81
C ASN A 239 -11.02 1.87 -12.00
N PRO A 240 -11.62 1.45 -10.87
CA PRO A 240 -10.99 0.53 -9.96
C PRO A 240 -10.78 -0.86 -10.60
N ILE A 241 -11.59 -1.20 -11.61
CA ILE A 241 -11.47 -2.52 -12.25
C ILE A 241 -10.25 -2.56 -13.16
N MET A 242 -10.05 -1.47 -13.90
CA MET A 242 -8.85 -1.35 -14.71
C MET A 242 -7.58 -1.32 -13.84
N GLU A 243 -7.63 -0.65 -12.70
CA GLU A 243 -6.48 -0.62 -11.77
C GLU A 243 -6.12 -2.01 -11.27
N ILE A 244 -7.12 -2.82 -10.96
CA ILE A 244 -6.87 -4.21 -10.48
C ILE A 244 -6.18 -5.00 -11.59
N ALA A 245 -6.70 -4.82 -12.79
CA ALA A 245 -6.11 -5.44 -13.98
C ALA A 245 -4.65 -5.00 -14.17
N LYS A 246 -4.40 -3.70 -14.01
CA LYS A 246 -3.02 -3.14 -14.07
C LYS A 246 -2.09 -3.68 -12.99
N TYR A 247 -2.56 -3.58 -11.73
CA TYR A 247 -1.67 -3.86 -10.61
C TYR A 247 -1.58 -5.32 -10.16
N PHE A 248 -2.60 -6.14 -10.43
CA PHE A 248 -2.64 -7.50 -9.89
C PHE A 248 -2.54 -8.68 -10.86
N LEU A 249 -2.98 -8.47 -12.10
CA LEU A 249 -3.15 -9.57 -13.04
C LEU A 249 -1.86 -9.85 -13.79
N GLU A 250 -1.69 -11.12 -14.18
CA GLU A 250 -0.57 -11.51 -15.06
C GLU A 250 -0.98 -11.54 -16.52
N TYR A 251 -0.01 -11.22 -17.38
CA TYR A 251 -0.22 -11.12 -18.81
C TYR A 251 0.82 -12.06 -19.43
N PRO A 252 0.50 -12.70 -20.57
CA PRO A 252 -0.74 -12.61 -21.33
C PRO A 252 -1.99 -13.01 -20.52
N LEU A 253 -3.08 -12.26 -20.72
CA LEU A 253 -4.34 -12.47 -20.03
C LEU A 253 -5.38 -12.91 -21.08
N THR A 254 -6.06 -14.02 -20.83
CA THR A 254 -7.15 -14.42 -21.70
C THR A 254 -8.47 -14.09 -21.07
N ILE A 255 -9.24 -13.22 -21.74
CA ILE A 255 -10.56 -12.84 -21.31
C ILE A 255 -11.59 -13.73 -22.00
N LYS A 256 -12.33 -14.50 -21.19
CA LYS A 256 -13.42 -15.30 -21.71
C LYS A 256 -14.58 -14.39 -22.08
N ARG A 257 -15.14 -14.57 -23.29
CA ARG A 257 -16.42 -13.95 -23.66
C ARG A 257 -17.25 -14.84 -24.59
N PRO A 258 -18.58 -14.76 -24.48
CA PRO A 258 -19.40 -15.46 -25.46
C PRO A 258 -18.97 -15.07 -26.87
N GLU A 259 -19.03 -16.01 -27.81
CA GLU A 259 -18.73 -15.69 -29.23
C GLU A 259 -19.61 -14.54 -29.71
N LYS A 260 -20.80 -14.40 -29.14
CA LYS A 260 -21.76 -13.37 -29.56
C LYS A 260 -21.29 -11.95 -29.21
N PHE A 261 -20.29 -11.88 -28.31
CA PHE A 261 -19.73 -10.63 -27.86
C PHE A 261 -18.31 -10.49 -28.37
N GLY A 262 -17.91 -11.41 -29.25
CA GLY A 262 -16.59 -11.37 -29.82
C GLY A 262 -15.71 -12.54 -29.50
N GLY A 263 -16.16 -13.40 -28.58
CA GLY A 263 -15.40 -14.63 -28.24
C GLY A 263 -14.13 -14.36 -27.46
N ASP A 264 -13.43 -15.40 -27.04
CA ASP A 264 -12.27 -15.20 -26.14
C ASP A 264 -11.22 -14.24 -26.66
N LEU A 265 -10.67 -13.46 -25.74
CA LEU A 265 -9.79 -12.37 -26.08
C LEU A 265 -8.50 -12.54 -25.30
N THR A 266 -7.37 -12.64 -26.00
CA THR A 266 -6.06 -12.72 -25.34
C THR A 266 -5.34 -11.39 -25.44
N VAL A 267 -4.97 -10.83 -24.29
CA VAL A 267 -4.29 -9.54 -24.30
C VAL A 267 -2.92 -9.72 -23.67
N ASN A 268 -1.90 -9.26 -24.37
CA ASN A 268 -0.51 -9.55 -23.98
C ASN A 268 0.11 -8.61 -22.95
N SER A 269 -0.57 -7.50 -22.69
CA SER A 269 -0.16 -6.51 -21.68
C SER A 269 -1.33 -5.65 -21.20
N TYR A 270 -1.15 -5.07 -20.02
CA TYR A 270 -2.13 -4.12 -19.53
C TYR A 270 -2.34 -2.99 -20.52
N GLU A 271 -1.28 -2.57 -21.18
CA GLU A 271 -1.36 -1.49 -22.18
C GLU A 271 -2.25 -1.89 -23.38
N GLU A 272 -2.19 -3.14 -23.83
CA GLU A 272 -3.19 -3.59 -24.85
C GLU A 272 -4.58 -3.57 -24.27
N LEU A 273 -4.73 -4.09 -23.06
CA LEU A 273 -6.03 -4.11 -22.39
C LEU A 273 -6.64 -2.73 -22.38
N GLU A 274 -5.84 -1.74 -21.99
CA GLU A 274 -6.27 -0.36 -21.88
C GLU A 274 -6.72 0.19 -23.24
N SER A 275 -5.94 -0.12 -24.28
CA SER A 275 -6.30 0.23 -25.64
C SER A 275 -7.66 -0.37 -26.05
N LEU A 276 -7.84 -1.67 -25.81
CA LEU A 276 -9.09 -2.36 -26.16
C LEU A 276 -10.26 -1.83 -25.38
N PHE A 277 -10.04 -1.53 -24.11
CA PHE A 277 -11.07 -0.94 -23.28
C PHE A 277 -11.40 0.52 -23.66
N LYS A 278 -10.41 1.37 -23.81
CA LYS A 278 -10.65 2.75 -24.28
C LYS A 278 -11.38 2.79 -25.63
N ASN A 279 -11.03 1.86 -26.51
CA ASN A 279 -11.67 1.78 -27.83
C ASN A 279 -13.02 1.02 -27.85
N LYS A 280 -13.44 0.56 -26.68
CA LYS A 280 -14.78 -0.03 -26.51
C LYS A 280 -14.92 -1.34 -27.24
N GLU A 281 -13.78 -1.97 -27.50
CA GLU A 281 -13.78 -3.33 -27.98
C GLU A 281 -13.95 -4.30 -26.82
N LEU A 282 -13.77 -3.82 -25.60
CA LEU A 282 -13.96 -4.68 -24.42
C LEU A 282 -14.96 -4.02 -23.50
N HIS A 283 -16.09 -4.70 -23.33
CA HIS A 283 -17.19 -4.21 -22.51
C HIS A 283 -16.91 -4.42 -21.02
N PRO A 284 -17.36 -3.47 -20.18
CA PRO A 284 -17.19 -3.58 -18.72
C PRO A 284 -17.53 -4.97 -18.21
N MET A 285 -18.60 -5.57 -18.75
CA MET A 285 -19.09 -6.84 -18.23
C MET A 285 -18.06 -7.91 -18.39
N ASP A 286 -17.42 -7.95 -19.54
CA ASP A 286 -16.40 -8.98 -19.79
C ASP A 286 -15.08 -8.67 -19.08
N LEU A 287 -14.78 -7.38 -18.90
CA LEU A 287 -13.61 -6.96 -18.10
C LEU A 287 -13.81 -7.45 -16.68
N LYS A 288 -14.98 -7.12 -16.14
CA LYS A 288 -15.34 -7.49 -14.77
C LYS A 288 -15.21 -8.98 -14.55
N ASN A 289 -15.77 -9.78 -15.47
CA ASN A 289 -15.78 -11.23 -15.29
C ASN A 289 -14.38 -11.77 -15.25
N ALA A 290 -13.53 -11.31 -16.17
CA ALA A 290 -12.14 -11.72 -16.22
C ALA A 290 -11.39 -11.27 -14.97
N VAL A 291 -11.53 -10.00 -14.60
CA VAL A 291 -10.82 -9.47 -13.43
C VAL A 291 -11.26 -10.22 -12.14
N ALA A 292 -12.57 -10.38 -11.97
CA ALA A 292 -13.08 -11.18 -10.86
C ALA A 292 -12.51 -12.59 -10.84
N GLU A 293 -12.51 -13.29 -11.96
CA GLU A 293 -11.99 -14.64 -11.90
C GLU A 293 -10.48 -14.72 -11.68
N GLU A 294 -9.71 -13.86 -12.33
CA GLU A 294 -8.25 -13.89 -12.15
C GLU A 294 -7.86 -13.44 -10.74
N LEU A 295 -8.54 -12.42 -10.23
CA LEU A 295 -8.28 -11.94 -8.86
C LEU A 295 -8.54 -13.04 -7.84
N ILE A 296 -9.67 -13.73 -7.98
CA ILE A 296 -10.00 -14.83 -7.11
C ILE A 296 -8.88 -15.81 -7.08
N LYS A 297 -8.35 -16.15 -8.27
CA LYS A 297 -7.24 -17.10 -8.38
C LYS A 297 -5.98 -16.63 -7.68
N ILE A 298 -5.68 -15.33 -7.82
CA ILE A 298 -4.46 -14.71 -7.27
C ILE A 298 -4.51 -14.72 -5.72
N LEU A 299 -5.69 -14.40 -5.19
CA LEU A 299 -5.86 -14.28 -3.73
C LEU A 299 -6.08 -15.65 -3.06
N GLU A 300 -6.43 -16.67 -3.84
CA GLU A 300 -6.83 -17.96 -3.26
C GLU A 300 -5.81 -18.58 -2.30
N PRO A 301 -4.53 -18.64 -2.69
CA PRO A 301 -3.53 -19.21 -1.76
C PRO A 301 -3.44 -18.41 -0.43
N ILE A 302 -3.69 -17.11 -0.50
CA ILE A 302 -3.71 -16.26 0.70
C ILE A 302 -4.93 -16.63 1.55
N ARG A 303 -6.13 -16.58 0.95
CA ARG A 303 -7.36 -16.99 1.64
C ARG A 303 -7.23 -18.39 2.24
N LYS A 304 -6.57 -19.27 1.50
CA LYS A 304 -6.41 -20.67 1.91
C LYS A 304 -5.54 -20.79 3.17
N ARG A 305 -4.43 -20.06 3.21
CA ARG A 305 -3.56 -20.10 4.42
C ARG A 305 -4.28 -19.58 5.67
N LEU A 306 -4.91 -18.42 5.56
CA LEU A 306 -5.71 -17.89 6.65
C LEU A 306 -6.78 -18.93 7.00
N LEU A 307 -6.57 -19.68 8.08
CA LEU A 307 -7.35 -20.93 8.43
C LEU A 307 -6.52 -21.93 9.31
#